data_3IOC
#
_entry.id   3IOC
#
_cell.length_a   48.591
_cell.length_b   71.485
_cell.length_c   82.044
_cell.angle_alpha   90.00
_cell.angle_beta   100.03
_cell.angle_gamma   90.00
#
_symmetry.space_group_name_H-M   'P 1 21 1'
#
loop_
_entity.id
_entity.type
_entity.pdbx_description
1 polymer 'Pantothenate synthetase'
2 non-polymer GLYCEROL
3 non-polymer (2R,3R,4S,5S)-2-(6-amino-9H-purin-9-yl)-5-[(benzyldisulfanyl)methyl]tetrahydrofuran-3,4-diol
4 water water
#
_entity_poly.entity_id   1
_entity_poly.type   'polypeptide(L)'
_entity_poly.pdbx_seq_one_letter_code
;AMAIPAFHPGELNVYSAPGDVADVSRALRLTGRRVMLVPTMGALHEGHLALVRAAKRVPGSVVVVSIFVNPMQFGAGGDL
DAYPRTPDDDLAQLRAEGVEIAFTPTTAAMYPDGLRTTVQPGPLAAELEGGPRPTHFAGVLTVVLKLLQIVRPDRVFFGE
KDYQQLVLIRQLVADFNLDVAVVGVPTVREADGLAMSSRNRYLDPAQRAAAVALSAALTAAAHAATAGAQAALDAARAVL
DAAPGVAVDYLELRDIGLGPMPLNGSGRLLVAARLGTTRLLDNIAIEIGTFAGTDRPDGYR
;
_entity_poly.pdbx_strand_id   A,B
#
# COMPACT_ATOMS: atom_id res chain seq x y z
N PRO A 5 -14.49 22.81 -5.09
CA PRO A 5 -13.51 22.24 -6.06
C PRO A 5 -14.06 22.12 -7.54
N ALA A 6 -13.64 23.03 -8.44
CA ALA A 6 -14.23 23.21 -9.81
C ALA A 6 -13.50 22.55 -10.99
N PHE A 7 -14.30 21.85 -11.82
CA PHE A 7 -13.84 21.17 -13.04
C PHE A 7 -14.51 21.75 -14.28
N HIS A 8 -13.75 22.47 -15.10
CA HIS A 8 -14.25 23.02 -16.37
C HIS A 8 -13.95 22.10 -17.59
N PRO A 9 -14.97 21.37 -18.10
CA PRO A 9 -14.69 20.31 -19.10
C PRO A 9 -14.23 20.85 -20.42
N GLY A 10 -13.51 20.02 -21.16
CA GLY A 10 -12.97 20.40 -22.44
C GLY A 10 -11.78 21.28 -22.25
N GLU A 11 -11.56 21.70 -21.01
CA GLU A 11 -10.38 22.52 -20.63
C GLU A 11 -9.38 21.81 -19.70
N LEU A 12 -8.20 22.42 -19.54
CA LEU A 12 -7.19 21.93 -18.63
C LEU A 12 -7.42 22.52 -17.26
N ASN A 13 -7.73 21.66 -16.29
CA ASN A 13 -7.96 22.02 -14.87
C ASN A 13 -6.79 21.54 -14.01
N VAL A 14 -6.16 22.45 -13.27
CA VAL A 14 -4.92 22.15 -12.51
C VAL A 14 -5.18 22.13 -11.01
N TYR A 15 -4.96 20.98 -10.36
CA TYR A 15 -5.19 20.89 -8.91
C TYR A 15 -3.91 20.58 -8.19
N SER A 16 -3.74 21.20 -7.03
CA SER A 16 -2.57 20.96 -6.21
C SER A 16 -2.83 20.16 -4.97
N ALA A 17 -4.03 20.36 -4.43
CA ALA A 17 -4.40 19.72 -3.18
C ALA A 17 -4.90 18.32 -3.52
N PRO A 18 -4.32 17.32 -2.84
CA PRO A 18 -4.79 15.94 -3.00
C PRO A 18 -6.34 15.83 -2.93
N GLY A 19 -6.91 16.46 -1.89
CA GLY A 19 -8.36 16.50 -1.67
C GLY A 19 -9.13 16.94 -2.89
N ASP A 20 -8.68 18.00 -3.58
CA ASP A 20 -9.46 18.53 -4.77
C ASP A 20 -9.49 17.49 -5.88
N VAL A 21 -8.31 17.12 -6.36
CA VAL A 21 -8.17 16.07 -7.37
C VAL A 21 -8.95 14.80 -7.00
N ALA A 22 -8.99 14.44 -5.72
CA ALA A 22 -9.68 13.24 -5.32
C ALA A 22 -11.22 13.42 -5.49
N ASP A 23 -11.71 14.57 -5.01
CA ASP A 23 -13.11 14.89 -5.04
C ASP A 23 -13.60 14.86 -6.50
N VAL A 24 -12.90 15.59 -7.37
CA VAL A 24 -13.20 15.64 -8.79
C VAL A 24 -13.14 14.23 -9.43
N SER A 25 -12.01 13.56 -9.35
CA SER A 25 -11.88 12.19 -9.85
C SER A 25 -13.11 11.36 -9.53
N ARG A 26 -13.54 11.48 -8.28
CA ARG A 26 -14.67 10.77 -7.74
C ARG A 26 -15.94 11.25 -8.40
N ALA A 27 -16.14 12.58 -8.42
CA ALA A 27 -17.31 13.16 -9.08
C ALA A 27 -17.37 12.58 -10.47
N LEU A 28 -16.33 12.81 -11.26
CA LEU A 28 -16.27 12.30 -12.61
C LEU A 28 -16.60 10.84 -12.78
N ARG A 29 -16.07 9.98 -11.93
CA ARG A 29 -16.26 8.57 -12.15
C ARG A 29 -17.76 8.21 -11.93
N LEU A 30 -18.43 8.97 -11.05
CA LEU A 30 -19.88 8.87 -10.97
C LEU A 30 -20.53 9.21 -12.34
N THR A 31 -20.14 10.31 -13.00
CA THR A 31 -20.76 10.70 -14.31
C THR A 31 -20.57 9.67 -15.48
N GLY A 32 -19.89 8.55 -15.26
CA GLY A 32 -19.75 7.53 -16.32
C GLY A 32 -18.48 7.69 -17.13
N ARG A 33 -17.58 8.50 -16.59
CA ARG A 33 -16.34 8.87 -17.24
C ARG A 33 -15.31 7.99 -16.64
N ARG A 34 -14.39 7.57 -17.46
CA ARG A 34 -13.40 6.69 -16.97
C ARG A 34 -12.05 7.42 -16.78
N VAL A 35 -11.66 7.55 -15.52
CA VAL A 35 -10.38 8.10 -15.14
C VAL A 35 -9.09 7.29 -15.49
N MET A 36 -8.17 7.96 -16.19
CA MET A 36 -6.94 7.38 -16.62
C MET A 36 -5.82 8.22 -16.01
N LEU A 37 -4.94 7.59 -15.23
CA LEU A 37 -3.81 8.29 -14.65
C LEU A 37 -2.49 8.12 -15.42
N VAL A 38 -1.85 9.23 -15.70
CA VAL A 38 -0.51 9.18 -16.28
C VAL A 38 0.47 9.87 -15.33
N PRO A 39 1.19 9.08 -14.51
CA PRO A 39 2.04 9.67 -13.48
C PRO A 39 3.28 10.14 -14.16
N THR A 40 3.64 11.42 -13.97
CA THR A 40 4.93 11.92 -14.53
C THR A 40 5.74 12.67 -13.51
N MET A 41 6.96 13.01 -13.93
CA MET A 41 7.92 13.79 -13.15
C MET A 41 8.24 15.12 -13.84
N GLY A 42 7.31 15.60 -14.66
CA GLY A 42 7.56 16.80 -15.47
C GLY A 42 8.48 16.53 -16.66
N ALA A 43 8.85 17.59 -17.37
CA ALA A 43 9.79 17.51 -18.50
C ALA A 43 9.29 16.53 -19.56
N LEU A 44 8.08 16.78 -20.00
CA LEU A 44 7.37 15.93 -20.91
C LEU A 44 7.92 15.99 -22.35
N HIS A 45 8.19 14.83 -22.91
CA HIS A 45 8.68 14.81 -24.25
C HIS A 45 7.78 13.93 -25.02
N GLU A 46 7.97 13.88 -26.33
CA GLU A 46 7.10 13.09 -27.20
C GLU A 46 6.78 11.74 -26.55
N GLY A 47 7.74 11.22 -25.78
CA GLY A 47 7.60 9.92 -25.10
C GLY A 47 6.58 9.87 -23.98
N HIS A 48 6.41 10.93 -23.21
CA HIS A 48 5.26 10.99 -22.32
C HIS A 48 3.97 11.11 -23.12
N LEU A 49 4.01 11.75 -24.30
CA LEU A 49 2.75 12.10 -24.98
C LEU A 49 2.05 10.82 -25.53
N ALA A 50 2.88 9.86 -25.95
CA ALA A 50 2.41 8.50 -26.21
C ALA A 50 1.56 8.02 -25.05
N LEU A 51 2.09 8.13 -23.83
CA LEU A 51 1.35 7.70 -22.65
C LEU A 51 0.00 8.37 -22.58
N VAL A 52 -0.05 9.69 -22.86
CA VAL A 52 -1.29 10.52 -22.86
C VAL A 52 -2.30 10.12 -23.92
N ARG A 53 -1.88 10.02 -25.18
CA ARG A 53 -2.79 9.50 -26.24
C ARG A 53 -3.33 8.11 -26.01
N ALA A 54 -2.46 7.15 -25.63
CA ALA A 54 -2.94 5.82 -25.27
C ALA A 54 -4.14 6.00 -24.33
N ALA A 55 -3.99 6.82 -23.30
CA ALA A 55 -5.02 6.98 -22.25
C ALA A 55 -6.21 7.64 -22.86
N LYS A 56 -5.91 8.59 -23.71
CA LYS A 56 -6.92 9.36 -24.36
C LYS A 56 -7.76 8.49 -25.29
N ARG A 57 -7.19 7.48 -25.92
CA ARG A 57 -8.06 6.77 -26.84
C ARG A 57 -9.01 5.83 -26.12
N VAL A 58 -8.97 5.81 -24.80
CA VAL A 58 -9.96 5.04 -24.03
C VAL A 58 -11.30 5.78 -23.95
N PRO A 59 -12.34 5.27 -24.68
CA PRO A 59 -13.74 5.69 -24.74
C PRO A 59 -14.30 6.09 -23.38
N GLY A 60 -14.61 7.39 -23.21
CA GLY A 60 -15.14 7.85 -21.93
C GLY A 60 -14.09 8.52 -21.05
N SER A 61 -12.82 8.32 -21.41
CA SER A 61 -11.65 8.70 -20.61
C SER A 61 -11.68 10.15 -20.12
N VAL A 62 -11.41 10.36 -18.83
CA VAL A 62 -10.92 11.64 -18.42
C VAL A 62 -9.45 11.42 -18.06
N VAL A 63 -8.52 12.21 -18.60
CA VAL A 63 -7.09 12.00 -18.33
C VAL A 63 -6.59 12.86 -17.18
N VAL A 64 -6.00 12.22 -16.17
CA VAL A 64 -5.24 12.91 -15.12
C VAL A 64 -3.75 12.69 -15.38
N VAL A 65 -2.98 13.76 -15.46
CA VAL A 65 -1.56 13.62 -15.56
C VAL A 65 -1.00 14.24 -14.33
N SER A 66 -0.15 13.51 -13.66
CA SER A 66 0.44 14.06 -12.45
C SER A 66 1.88 14.45 -12.75
N ILE A 67 2.24 15.55 -12.16
CA ILE A 67 3.55 16.13 -12.35
C ILE A 67 4.15 16.30 -10.95
N PHE A 68 4.99 15.38 -10.53
CA PHE A 68 5.49 15.51 -9.16
C PHE A 68 6.89 14.97 -9.15
N VAL A 69 7.84 15.76 -8.65
CA VAL A 69 9.24 15.27 -8.54
C VAL A 69 9.40 14.93 -7.11
N ASN A 70 9.67 13.67 -6.85
CA ASN A 70 9.63 13.16 -5.50
C ASN A 70 11.01 13.25 -4.88
N PRO A 71 11.17 13.89 -3.71
CA PRO A 71 12.56 14.12 -3.31
C PRO A 71 13.21 12.97 -2.46
N MET A 72 12.95 11.69 -2.78
CA MET A 72 13.16 10.49 -1.86
C MET A 72 14.01 9.29 -2.41
N GLN A 73 13.79 8.94 -3.68
CA GLN A 73 14.45 7.79 -4.35
C GLN A 73 15.75 8.16 -5.11
N THR A 86 10.11 22.50 -15.49
CA THR A 86 9.33 23.18 -16.56
C THR A 86 7.76 23.12 -16.45
N PRO A 87 7.18 23.49 -15.25
CA PRO A 87 5.69 23.35 -14.97
C PRO A 87 4.79 23.89 -16.10
N ASP A 88 4.99 25.17 -16.43
CA ASP A 88 4.35 25.84 -17.55
C ASP A 88 4.40 25.08 -18.87
N ASP A 89 5.59 24.91 -19.43
CA ASP A 89 5.70 24.15 -20.66
C ASP A 89 4.88 22.84 -20.63
N ASP A 90 5.09 22.03 -19.58
CA ASP A 90 4.45 20.74 -19.48
C ASP A 90 2.95 20.99 -19.62
N LEU A 91 2.49 22.01 -18.93
CA LEU A 91 1.07 22.34 -18.94
C LEU A 91 0.60 22.71 -20.33
N ALA A 92 1.36 23.58 -21.01
CA ALA A 92 1.05 23.94 -22.42
C ALA A 92 0.85 22.69 -23.30
N GLN A 93 1.87 21.85 -23.35
CA GLN A 93 1.76 20.55 -24.03
C GLN A 93 0.46 19.79 -23.72
N LEU A 94 0.04 19.88 -22.46
CA LEU A 94 -1.08 19.16 -21.97
C LEU A 94 -2.40 19.77 -22.49
N ARG A 95 -2.52 21.11 -22.34
CA ARG A 95 -3.70 21.89 -22.77
C ARG A 95 -3.94 21.54 -24.24
N ALA A 96 -2.80 21.43 -24.94
CA ALA A 96 -2.66 21.03 -26.35
C ALA A 96 -2.92 19.55 -26.71
N GLU A 97 -2.53 18.61 -25.88
CA GLU A 97 -2.94 17.23 -26.10
C GLU A 97 -4.41 16.91 -25.69
N GLY A 98 -5.14 17.92 -25.22
CA GLY A 98 -6.51 17.76 -24.81
C GLY A 98 -6.72 17.23 -23.41
N VAL A 99 -5.73 17.39 -22.52
CA VAL A 99 -5.82 16.80 -21.16
C VAL A 99 -6.64 17.69 -20.27
N GLU A 100 -7.63 17.11 -19.60
CA GLU A 100 -8.54 17.85 -18.71
C GLU A 100 -8.00 18.10 -17.26
N ILE A 101 -7.16 17.22 -16.73
CA ILE A 101 -6.74 17.37 -15.37
C ILE A 101 -5.22 17.21 -15.14
N ALA A 102 -4.63 18.21 -14.51
CA ALA A 102 -3.25 18.08 -14.06
C ALA A 102 -3.14 18.19 -12.53
N PHE A 103 -2.62 17.11 -11.94
CA PHE A 103 -2.40 17.08 -10.49
C PHE A 103 -0.96 17.47 -10.16
N THR A 104 -0.75 18.66 -9.56
CA THR A 104 0.63 19.12 -9.20
C THR A 104 0.84 19.34 -7.68
N PRO A 105 0.96 18.24 -6.88
CA PRO A 105 1.07 18.39 -5.43
C PRO A 105 2.38 18.98 -4.99
N THR A 106 2.38 19.59 -3.80
CA THR A 106 3.59 20.03 -3.15
C THR A 106 4.26 18.85 -2.42
N THR A 107 5.50 19.02 -2.01
CA THR A 107 6.15 18.03 -1.25
C THR A 107 5.53 17.89 0.13
N ALA A 108 5.09 19.02 0.69
CA ALA A 108 4.49 19.05 2.01
C ALA A 108 3.21 18.31 1.93
N ALA A 109 2.51 18.42 0.81
CA ALA A 109 1.20 17.81 0.83
C ALA A 109 1.35 16.31 0.62
N MET A 110 2.39 15.88 -0.08
CA MET A 110 2.62 14.43 -0.26
C MET A 110 3.33 13.72 0.89
N TYR A 111 4.17 14.46 1.62
CA TYR A 111 4.86 13.94 2.79
C TYR A 111 4.61 14.76 4.05
N PRO A 112 3.33 14.94 4.46
CA PRO A 112 3.20 15.74 5.71
C PRO A 112 4.00 15.21 6.90
N ASP A 113 4.30 13.89 6.89
CA ASP A 113 4.89 13.18 8.02
C ASP A 113 6.21 12.56 7.65
N GLY A 114 6.75 12.94 6.49
CA GLY A 114 8.06 12.42 6.08
C GLY A 114 7.92 10.99 5.64
N LEU A 115 9.00 10.21 5.71
CA LEU A 115 8.90 8.81 5.35
C LEU A 115 8.52 8.13 6.61
N ARG A 116 7.30 7.64 6.63
CA ARG A 116 6.83 6.92 7.74
C ARG A 116 6.41 5.53 7.26
N THR A 117 5.14 5.34 6.92
CA THR A 117 4.74 4.09 6.24
C THR A 117 5.24 4.14 4.79
N THR A 118 5.96 3.12 4.36
CA THR A 118 6.41 3.10 2.96
C THR A 118 6.12 1.71 2.31
N VAL A 119 6.32 1.55 1.01
CA VAL A 119 6.16 0.24 0.44
C VAL A 119 7.54 -0.39 0.37
N GLN A 120 7.63 -1.66 0.75
CA GLN A 120 8.87 -2.38 0.46
C GLN A 120 8.74 -3.33 -0.74
N PRO A 121 9.47 -3.06 -1.85
CA PRO A 121 9.31 -3.88 -3.06
C PRO A 121 9.76 -5.27 -2.74
N GLY A 122 9.49 -6.20 -3.65
CA GLY A 122 10.06 -7.52 -3.64
C GLY A 122 11.53 -7.49 -4.06
N PRO A 123 12.24 -8.62 -3.87
CA PRO A 123 13.66 -8.79 -4.24
C PRO A 123 14.04 -8.29 -5.66
N LEU A 124 13.10 -8.25 -6.60
CA LEU A 124 13.44 -7.68 -7.93
C LEU A 124 13.98 -6.22 -7.84
N ALA A 125 13.59 -5.48 -6.81
CA ALA A 125 14.00 -4.08 -6.66
C ALA A 125 15.50 -3.88 -6.34
N ALA A 126 16.18 -4.94 -5.94
CA ALA A 126 17.61 -4.83 -5.59
C ALA A 126 18.51 -5.17 -6.80
N GLU A 127 17.87 -5.51 -7.92
CA GLU A 127 18.59 -5.87 -9.07
C GLU A 127 18.54 -4.80 -10.10
N LEU A 128 19.42 -4.96 -11.08
CA LEU A 128 19.47 -4.08 -12.21
C LEU A 128 19.63 -2.63 -11.87
N GLU A 129 18.57 -1.86 -12.00
CA GLU A 129 18.61 -0.45 -11.64
C GLU A 129 18.67 -0.29 -10.13
N GLY A 130 18.20 -1.30 -9.38
CA GLY A 130 18.22 -1.26 -7.93
C GLY A 130 19.51 -1.75 -7.30
N GLY A 131 20.46 -2.13 -8.16
CA GLY A 131 21.73 -2.67 -7.68
C GLY A 131 22.59 -1.63 -7.00
N PRO A 132 22.91 -0.52 -7.70
CA PRO A 132 23.57 0.65 -7.08
C PRO A 132 22.70 1.46 -6.12
N ARG A 133 21.40 1.56 -6.40
CA ARG A 133 20.50 2.52 -5.76
C ARG A 133 19.36 1.72 -5.10
N PRO A 134 19.64 1.06 -3.95
CA PRO A 134 18.67 0.02 -3.42
C PRO A 134 17.39 0.47 -2.66
N THR A 135 17.09 1.77 -2.61
CA THR A 135 15.83 2.20 -2.00
C THR A 135 14.98 2.93 -3.06
N HIS A 136 15.57 3.11 -4.23
CA HIS A 136 14.93 3.81 -5.33
C HIS A 136 13.56 3.23 -5.66
N PHE A 137 13.45 1.90 -5.76
CA PHE A 137 12.11 1.37 -6.06
C PHE A 137 11.12 1.50 -4.93
N ALA A 138 11.62 1.50 -3.70
CA ALA A 138 10.73 1.74 -2.56
C ALA A 138 10.13 3.15 -2.70
N GLY A 139 11.00 4.13 -2.94
CA GLY A 139 10.61 5.49 -3.23
C GLY A 139 9.56 5.53 -4.30
N VAL A 140 9.84 4.88 -5.43
CA VAL A 140 8.95 4.93 -6.58
C VAL A 140 7.53 4.31 -6.32
N LEU A 141 7.50 3.07 -5.84
CA LEU A 141 6.26 2.36 -5.54
C LEU A 141 5.40 3.06 -4.46
N THR A 142 6.06 3.69 -3.51
CA THR A 142 5.38 4.40 -2.41
C THR A 142 4.56 5.57 -3.05
N VAL A 143 5.20 6.37 -3.92
CA VAL A 143 4.51 7.48 -4.50
C VAL A 143 3.43 6.99 -5.46
N VAL A 144 3.69 5.87 -6.14
CA VAL A 144 2.69 5.40 -7.06
C VAL A 144 1.49 4.86 -6.33
N LEU A 145 1.74 4.31 -5.15
CA LEU A 145 0.61 3.88 -4.35
C LEU A 145 -0.21 5.08 -3.90
N LYS A 146 0.44 6.11 -3.38
CA LYS A 146 -0.29 7.36 -3.00
C LYS A 146 -1.05 8.01 -4.19
N LEU A 147 -0.40 8.10 -5.35
CA LEU A 147 -1.10 8.65 -6.52
C LEU A 147 -2.34 7.84 -6.86
N LEU A 148 -2.25 6.51 -6.80
CA LEU A 148 -3.41 5.73 -7.23
C LEU A 148 -4.50 5.80 -6.19
N GLN A 149 -4.16 6.02 -4.91
CA GLN A 149 -5.16 6.21 -3.86
C GLN A 149 -5.78 7.58 -3.97
N ILE A 150 -5.02 8.58 -4.36
CA ILE A 150 -5.55 9.91 -4.46
C ILE A 150 -6.53 9.95 -5.60
N VAL A 151 -6.12 9.37 -6.73
CA VAL A 151 -6.88 9.49 -7.97
C VAL A 151 -7.81 8.31 -8.28
N ARG A 152 -7.60 7.14 -7.69
CA ARG A 152 -8.45 5.95 -7.92
C ARG A 152 -8.78 5.77 -9.42
N PRO A 153 -7.75 5.72 -10.29
CA PRO A 153 -8.10 5.65 -11.74
C PRO A 153 -8.53 4.27 -12.14
N ASP A 154 -9.06 4.13 -13.35
CA ASP A 154 -9.47 2.83 -13.89
C ASP A 154 -8.29 2.07 -14.40
N ARG A 155 -7.44 2.82 -15.10
CA ARG A 155 -6.14 2.40 -15.64
C ARG A 155 -5.02 3.40 -15.36
N VAL A 156 -3.82 2.84 -15.28
CA VAL A 156 -2.66 3.65 -15.06
C VAL A 156 -1.57 3.30 -16.06
N PHE A 157 -0.97 4.34 -16.64
CA PHE A 157 -0.08 4.20 -17.80
C PHE A 157 1.37 4.38 -17.50
N PHE A 158 2.17 3.46 -18.04
CA PHE A 158 3.62 3.52 -17.94
C PHE A 158 4.32 3.11 -19.22
N GLY A 159 5.46 3.75 -19.51
CA GLY A 159 6.26 3.50 -20.67
C GLY A 159 7.05 2.24 -20.52
N GLU A 160 7.16 1.43 -21.58
CA GLU A 160 8.04 0.24 -21.52
C GLU A 160 9.54 0.62 -21.38
N LYS A 161 9.86 1.90 -21.59
CA LYS A 161 11.23 2.41 -21.52
C LYS A 161 11.82 2.03 -20.19
N ASP A 162 11.04 2.23 -19.12
CA ASP A 162 11.54 1.91 -17.82
C ASP A 162 10.86 0.64 -17.42
N TYR A 163 11.34 -0.41 -18.05
CA TYR A 163 10.64 -1.69 -18.03
C TYR A 163 10.62 -2.36 -16.66
N GLN A 164 11.76 -2.38 -15.97
CA GLN A 164 11.80 -2.83 -14.56
C GLN A 164 10.80 -2.07 -13.66
N GLN A 165 10.76 -0.74 -13.74
CA GLN A 165 9.70 0.01 -13.04
C GLN A 165 8.28 -0.49 -13.39
N LEU A 166 8.06 -0.81 -14.66
CA LEU A 166 6.81 -1.31 -15.11
C LEU A 166 6.46 -2.63 -14.40
N VAL A 167 7.36 -3.60 -14.49
CA VAL A 167 7.12 -4.90 -13.87
C VAL A 167 6.84 -4.75 -12.38
N LEU A 168 7.54 -3.82 -11.73
CA LEU A 168 7.46 -3.67 -10.30
C LEU A 168 6.13 -3.08 -9.93
N ILE A 169 5.73 -2.11 -10.72
CA ILE A 169 4.37 -1.60 -10.57
C ILE A 169 3.23 -2.65 -10.70
N ARG A 170 3.41 -3.64 -11.56
CA ARG A 170 2.41 -4.69 -11.75
C ARG A 170 2.36 -5.62 -10.56
N GLN A 171 3.46 -5.72 -9.82
CA GLN A 171 3.58 -6.59 -8.68
C GLN A 171 2.89 -5.88 -7.55
N LEU A 172 3.03 -4.56 -7.59
CA LEU A 172 2.53 -3.71 -6.56
C LEU A 172 1.06 -3.89 -6.65
N VAL A 173 0.51 -3.65 -7.83
CA VAL A 173 -0.92 -3.73 -8.07
C VAL A 173 -1.47 -5.13 -7.73
N ALA A 174 -0.73 -6.18 -8.07
CA ALA A 174 -1.18 -7.53 -7.79
C ALA A 174 -1.06 -7.84 -6.30
N ASP A 175 0.08 -7.54 -5.70
CA ASP A 175 0.33 -7.97 -4.31
C ASP A 175 -0.61 -7.27 -3.33
N PHE A 176 -1.05 -6.06 -3.68
CA PHE A 176 -1.93 -5.24 -2.82
C PHE A 176 -3.40 -5.26 -3.25
N ASN A 177 -3.74 -6.05 -4.27
CA ASN A 177 -5.09 -6.18 -4.77
C ASN A 177 -5.67 -4.85 -5.27
N LEU A 178 -4.83 -3.97 -5.86
CA LEU A 178 -5.34 -2.64 -6.29
C LEU A 178 -6.21 -2.78 -7.47
N ASP A 179 -7.32 -2.08 -7.45
CA ASP A 179 -8.31 -2.25 -8.48
C ASP A 179 -7.98 -1.21 -9.52
N VAL A 180 -7.09 -1.53 -10.46
CA VAL A 180 -6.63 -0.59 -11.48
C VAL A 180 -5.95 -1.47 -12.50
N ALA A 181 -6.07 -1.10 -13.75
CA ALA A 181 -5.40 -1.80 -14.82
C ALA A 181 -4.13 -1.02 -15.11
N VAL A 182 -3.00 -1.77 -15.22
CA VAL A 182 -1.69 -1.22 -15.58
C VAL A 182 -1.39 -1.44 -17.08
N VAL A 183 -1.29 -0.35 -17.83
CA VAL A 183 -1.04 -0.42 -19.26
C VAL A 183 0.38 -0.04 -19.56
N GLY A 184 1.20 -0.95 -20.05
CA GLY A 184 2.53 -0.55 -20.44
C GLY A 184 2.51 -0.12 -21.88
N VAL A 185 3.20 0.97 -22.18
CA VAL A 185 3.16 1.59 -23.46
C VAL A 185 4.54 1.48 -24.14
N PRO A 186 4.57 1.01 -25.40
CA PRO A 186 5.87 0.75 -26.02
C PRO A 186 6.66 2.02 -26.22
N THR A 187 7.98 1.85 -26.11
CA THR A 187 8.94 2.96 -26.13
C THR A 187 8.78 3.81 -27.38
N VAL A 188 9.08 5.10 -27.27
CA VAL A 188 8.98 6.00 -28.44
C VAL A 188 10.39 6.39 -28.81
N ARG A 189 10.69 6.32 -30.12
CA ARG A 189 12.10 6.37 -30.63
C ARG A 189 12.36 7.52 -31.61
N GLU A 190 13.55 8.09 -31.57
CA GLU A 190 13.96 9.02 -32.61
C GLU A 190 14.07 8.22 -33.91
N ALA A 191 14.14 8.92 -35.06
CA ALA A 191 14.13 8.26 -36.38
C ALA A 191 15.30 7.23 -36.58
N ASP A 192 16.43 7.44 -35.92
CA ASP A 192 17.50 6.47 -35.97
C ASP A 192 17.28 5.32 -34.95
N GLY A 193 16.27 5.38 -34.10
CA GLY A 193 16.09 4.32 -33.10
C GLY A 193 16.43 4.58 -31.62
N LEU A 194 17.10 5.68 -31.33
CA LEU A 194 17.42 6.05 -29.95
C LEU A 194 16.18 6.26 -29.06
N ALA A 195 16.13 5.64 -27.88
CA ALA A 195 14.91 5.78 -27.03
C ALA A 195 14.80 7.23 -26.56
N MET A 196 13.65 7.86 -26.77
CA MET A 196 13.45 9.25 -26.30
C MET A 196 13.61 9.36 -24.77
N SER A 197 14.44 10.29 -24.32
CA SER A 197 14.62 10.46 -22.89
C SER A 197 14.93 11.91 -22.72
N SER A 198 14.64 12.44 -21.54
CA SER A 198 15.04 13.80 -21.23
C SER A 198 16.57 13.83 -21.34
N ARG A 199 17.23 12.86 -20.67
CA ARG A 199 18.69 12.74 -20.63
C ARG A 199 19.46 12.93 -21.96
N ASN A 200 18.80 12.62 -23.09
CA ASN A 200 19.40 12.80 -24.43
C ASN A 200 19.58 14.26 -24.82
N ARG A 201 18.99 15.18 -24.04
CA ARG A 201 19.27 16.61 -24.18
C ARG A 201 20.79 16.82 -23.92
N TYR A 202 21.27 16.36 -22.74
CA TYR A 202 22.73 16.16 -22.49
C TYR A 202 23.24 15.28 -23.68
N LEU A 203 24.51 15.42 -24.09
CA LEU A 203 25.14 14.55 -25.13
C LEU A 203 25.61 15.38 -26.30
N ASP A 204 26.94 15.54 -26.42
CA ASP A 204 27.54 16.17 -27.62
C ASP A 204 27.23 15.30 -28.86
N PRO A 205 27.16 15.92 -30.06
CA PRO A 205 26.92 15.15 -31.32
C PRO A 205 27.97 14.04 -31.49
N ALA A 206 28.93 14.08 -30.56
CA ALA A 206 29.91 13.06 -30.29
C ALA A 206 29.18 11.90 -29.65
N GLN A 207 29.08 11.95 -28.33
CA GLN A 207 28.25 11.05 -27.53
C GLN A 207 26.84 10.72 -28.12
N ARG A 208 26.18 11.67 -28.76
CA ARG A 208 24.81 11.46 -29.17
C ARG A 208 24.72 10.62 -30.45
N ALA A 209 25.71 10.78 -31.33
CA ALA A 209 25.83 9.87 -32.47
C ALA A 209 26.29 8.40 -32.05
N ALA A 210 27.09 8.27 -30.99
CA ALA A 210 27.37 6.95 -30.35
C ALA A 210 26.19 6.34 -29.60
N ALA A 211 25.25 7.20 -29.17
CA ALA A 211 24.11 6.79 -28.37
C ALA A 211 23.21 5.78 -29.10
N VAL A 212 23.28 5.78 -30.42
CA VAL A 212 22.43 4.94 -31.22
C VAL A 212 22.84 3.43 -31.05
N ALA A 213 23.98 3.20 -30.45
CA ALA A 213 24.46 1.84 -30.25
C ALA A 213 23.54 0.98 -29.39
N LEU A 214 22.90 1.63 -28.41
CA LEU A 214 22.04 0.89 -27.50
C LEU A 214 20.96 0.22 -28.30
N SER A 215 20.17 1.00 -29.00
CA SER A 215 19.07 0.35 -29.73
C SER A 215 19.59 -0.53 -30.87
N ALA A 216 20.70 -0.18 -31.51
CA ALA A 216 21.13 -1.01 -32.60
C ALA A 216 21.51 -2.41 -32.03
N ALA A 217 22.18 -2.42 -30.88
CA ALA A 217 22.63 -3.67 -30.28
C ALA A 217 21.42 -4.51 -29.89
N LEU A 218 20.39 -3.83 -29.40
CA LEU A 218 19.14 -4.50 -29.03
C LEU A 218 18.42 -5.09 -30.24
N THR A 219 18.37 -4.32 -31.33
CA THR A 219 17.53 -4.78 -32.41
C THR A 219 18.29 -5.90 -33.12
N ALA A 220 19.62 -5.83 -33.10
CA ALA A 220 20.43 -6.88 -33.69
C ALA A 220 20.22 -8.19 -32.92
N ALA A 221 20.31 -8.07 -31.60
CA ALA A 221 20.22 -9.20 -30.69
C ALA A 221 18.91 -9.89 -30.94
N ALA A 222 17.88 -9.09 -31.14
CA ALA A 222 16.51 -9.56 -31.41
C ALA A 222 16.44 -10.31 -32.71
N HIS A 223 17.25 -9.93 -33.70
CA HIS A 223 17.26 -10.68 -34.99
C HIS A 223 18.11 -11.91 -34.98
N ALA A 224 19.19 -11.84 -34.22
CA ALA A 224 20.13 -12.89 -34.10
C ALA A 224 19.57 -14.05 -33.24
N ALA A 225 18.45 -13.80 -32.55
CA ALA A 225 17.93 -14.72 -31.54
C ALA A 225 17.44 -16.06 -32.09
N THR A 226 17.12 -16.10 -33.39
CA THR A 226 16.82 -17.34 -34.09
C THR A 226 17.98 -18.28 -33.81
N ALA A 227 19.19 -17.76 -33.72
CA ALA A 227 20.35 -18.65 -33.42
C ALA A 227 20.52 -18.96 -31.94
N GLY A 228 19.56 -18.54 -31.14
CA GLY A 228 19.69 -18.73 -29.73
C GLY A 228 20.06 -17.52 -28.90
N ALA A 229 19.69 -17.61 -27.62
CA ALA A 229 20.09 -16.69 -26.54
C ALA A 229 21.55 -16.25 -26.57
N GLN A 230 22.43 -17.22 -26.61
CA GLN A 230 23.85 -16.92 -26.69
C GLN A 230 24.33 -16.07 -27.92
N ALA A 231 23.72 -16.27 -29.09
CA ALA A 231 24.09 -15.47 -30.26
C ALA A 231 23.52 -14.07 -30.12
N ALA A 232 22.42 -13.99 -29.39
CA ALA A 232 21.69 -12.76 -29.31
C ALA A 232 22.51 -11.80 -28.45
N LEU A 233 23.21 -12.38 -27.51
CA LEU A 233 23.90 -11.55 -26.55
C LEU A 233 25.19 -11.08 -27.12
N ASP A 234 25.93 -12.02 -27.67
CA ASP A 234 27.17 -11.74 -28.36
C ASP A 234 26.92 -10.69 -29.40
N ALA A 235 25.88 -10.84 -30.23
CA ALA A 235 25.49 -9.80 -31.16
C ALA A 235 25.43 -8.37 -30.53
N ALA A 236 24.63 -8.27 -29.46
CA ALA A 236 24.48 -7.01 -28.78
C ALA A 236 25.84 -6.60 -28.18
N ARG A 237 26.56 -7.54 -27.58
CA ARG A 237 27.76 -7.17 -26.86
C ARG A 237 28.74 -6.66 -27.93
N ALA A 238 28.72 -7.31 -29.11
CA ALA A 238 29.56 -6.89 -30.25
C ALA A 238 29.27 -5.47 -30.74
N VAL A 239 28.00 -5.09 -30.75
CA VAL A 239 27.63 -3.77 -31.20
C VAL A 239 28.09 -2.67 -30.24
N LEU A 240 27.92 -2.85 -28.92
CA LEU A 240 28.39 -1.87 -27.89
C LEU A 240 29.90 -1.73 -27.86
N ASP A 241 30.55 -2.89 -27.96
CA ASP A 241 32.01 -2.94 -28.05
C ASP A 241 32.53 -2.13 -29.22
N ALA A 242 31.75 -1.99 -30.30
CA ALA A 242 32.25 -1.25 -31.47
C ALA A 242 31.90 0.22 -31.43
N ALA A 243 31.37 0.66 -30.28
CA ALA A 243 30.93 2.05 -30.09
C ALA A 243 31.83 2.87 -29.16
N PRO A 244 32.38 3.96 -29.69
CA PRO A 244 33.27 4.90 -29.01
C PRO A 244 32.61 5.54 -27.77
N GLY A 245 33.10 5.16 -26.60
CA GLY A 245 32.72 5.86 -25.39
C GLY A 245 31.34 5.49 -24.91
N VAL A 246 30.99 4.23 -25.05
CA VAL A 246 29.81 3.75 -24.44
C VAL A 246 30.32 2.80 -23.41
N ALA A 247 30.12 3.10 -22.14
CA ALA A 247 30.51 2.19 -21.08
C ALA A 247 29.27 1.47 -20.50
N VAL A 248 29.22 0.15 -20.66
CA VAL A 248 28.03 -0.59 -20.34
C VAL A 248 27.96 -0.75 -18.83
N ASP A 249 26.81 -0.42 -18.22
CA ASP A 249 26.58 -0.84 -16.83
C ASP A 249 26.04 -2.26 -16.77
N TYR A 250 25.02 -2.60 -17.53
CA TYR A 250 24.61 -4.00 -17.67
C TYR A 250 23.99 -4.38 -19.02
N LEU A 251 24.07 -5.64 -19.39
CA LEU A 251 23.36 -6.13 -20.54
C LEU A 251 22.84 -7.51 -20.22
N GLU A 252 21.51 -7.63 -20.19
CA GLU A 252 20.93 -8.75 -19.50
C GLU A 252 19.67 -9.31 -20.12
N LEU A 253 19.62 -10.62 -20.13
CA LEU A 253 18.59 -11.35 -20.80
C LEU A 253 17.69 -11.99 -19.77
N ARG A 254 16.40 -11.72 -19.84
CA ARG A 254 15.53 -12.15 -18.79
C ARG A 254 14.24 -12.63 -19.36
N ASP A 255 13.46 -13.30 -18.51
CA ASP A 255 12.12 -13.63 -18.86
C ASP A 255 11.21 -12.32 -18.86
N ILE A 256 10.01 -12.36 -19.40
CA ILE A 256 9.26 -11.12 -19.47
C ILE A 256 8.89 -10.56 -18.08
N GLY A 257 8.82 -11.43 -17.08
CA GLY A 257 8.45 -11.00 -15.73
C GLY A 257 9.71 -10.71 -14.93
N LEU A 258 10.85 -10.64 -15.65
CA LEU A 258 12.19 -10.37 -15.10
C LEU A 258 12.79 -11.46 -14.15
N GLY A 259 12.24 -12.67 -14.18
CA GLY A 259 12.99 -13.84 -13.72
C GLY A 259 14.07 -14.33 -14.71
N PRO A 260 14.63 -15.52 -14.41
CA PRO A 260 15.82 -16.19 -14.93
C PRO A 260 16.30 -15.95 -16.37
N MET A 261 16.22 -16.98 -17.18
CA MET A 261 16.87 -16.99 -18.46
C MET A 261 15.79 -17.68 -19.27
N PRO A 262 15.03 -16.89 -20.06
CA PRO A 262 13.65 -17.12 -20.53
C PRO A 262 13.33 -18.57 -20.93
N LEU A 263 13.89 -19.54 -20.20
CA LEU A 263 13.90 -20.97 -20.57
C LEU A 263 14.70 -21.16 -21.87
N ASN A 264 14.00 -21.00 -23.00
CA ASN A 264 14.55 -20.72 -24.31
C ASN A 264 13.45 -20.23 -25.25
N GLY A 265 12.46 -19.56 -24.66
CA GLY A 265 11.19 -19.31 -25.32
C GLY A 265 10.98 -17.92 -25.88
N SER A 266 11.15 -16.91 -25.02
CA SER A 266 10.65 -15.56 -25.20
C SER A 266 10.83 -14.73 -23.91
N GLY A 267 11.30 -13.48 -24.04
CA GLY A 267 11.68 -12.68 -22.87
C GLY A 267 12.11 -11.25 -23.16
N ARG A 268 12.98 -10.71 -22.31
CA ARG A 268 13.35 -9.32 -22.42
C ARG A 268 14.83 -9.17 -22.32
N LEU A 269 15.35 -8.25 -23.16
CA LEU A 269 16.76 -7.88 -23.18
C LEU A 269 16.88 -6.46 -22.69
N LEU A 270 17.79 -6.22 -21.74
CA LEU A 270 17.86 -4.93 -21.09
C LEU A 270 19.24 -4.40 -21.10
N VAL A 271 19.30 -3.10 -21.35
CA VAL A 271 20.57 -2.45 -21.36
C VAL A 271 20.57 -1.06 -20.64
N ALA A 272 21.70 -0.82 -19.94
CA ALA A 272 22.04 0.39 -19.22
C ALA A 272 23.49 0.75 -19.54
N ALA A 273 23.72 2.01 -19.95
CA ALA A 273 25.09 2.47 -20.32
C ALA A 273 25.37 3.97 -20.16
N ARG A 274 26.63 4.32 -19.82
CA ARG A 274 27.04 5.72 -19.61
C ARG A 274 27.61 6.30 -20.89
N LEU A 275 27.21 7.53 -21.21
CA LEU A 275 27.99 8.37 -22.16
C LEU A 275 28.41 9.71 -21.51
N GLY A 276 29.67 9.78 -21.06
CA GLY A 276 30.06 10.83 -20.14
C GLY A 276 29.44 10.48 -18.80
N THR A 277 28.83 11.45 -18.14
CA THR A 277 28.06 11.16 -16.90
C THR A 277 26.57 10.83 -17.14
N THR A 278 26.16 10.89 -18.41
CA THR A 278 24.79 10.68 -18.85
C THR A 278 24.41 9.19 -18.97
N ARG A 279 23.67 8.67 -18.00
CA ARG A 279 23.27 7.25 -18.01
C ARG A 279 22.04 6.96 -18.91
N LEU A 280 22.14 5.99 -19.84
CA LEU A 280 20.98 5.67 -20.71
C LEU A 280 20.47 4.23 -20.51
N LEU A 281 19.16 4.04 -20.67
CA LEU A 281 18.57 2.71 -20.54
C LEU A 281 17.75 2.52 -21.78
N ASP A 282 17.57 1.22 -22.08
CA ASP A 282 16.82 0.73 -23.21
C ASP A 282 16.59 -0.79 -23.00
N ASN A 283 15.55 -1.31 -23.64
CA ASN A 283 15.20 -2.71 -23.58
C ASN A 283 14.31 -3.06 -24.81
N ILE A 284 14.13 -4.38 -25.02
CA ILE A 284 13.43 -4.85 -26.18
C ILE A 284 12.90 -6.24 -25.84
N ALA A 285 11.76 -6.58 -26.46
CA ALA A 285 11.26 -7.94 -26.67
C ALA A 285 12.29 -8.77 -27.43
N ILE A 286 12.39 -10.04 -27.06
CA ILE A 286 13.29 -11.01 -27.63
C ILE A 286 12.58 -12.43 -27.69
N GLU A 287 12.59 -13.16 -28.81
CA GLU A 287 12.28 -14.61 -28.76
C GLU A 287 13.48 -15.42 -29.14
N ILE A 288 13.79 -16.41 -28.31
CA ILE A 288 14.84 -17.38 -28.56
C ILE A 288 14.25 -18.56 -29.38
N GLY A 289 14.87 -18.88 -30.54
CA GLY A 289 14.54 -20.08 -31.29
C GLY A 289 13.33 -19.86 -32.18
N ALA B 3 -21.76 -11.48 -14.71
CA ALA B 3 -22.63 -11.03 -13.58
C ALA B 3 -21.87 -10.85 -12.25
N ILE B 4 -22.22 -9.81 -11.48
CA ILE B 4 -22.04 -9.80 -10.00
C ILE B 4 -22.33 -11.22 -9.44
N PRO B 5 -21.54 -11.70 -8.43
CA PRO B 5 -22.01 -12.99 -7.90
C PRO B 5 -23.32 -12.96 -7.06
N ALA B 6 -23.74 -14.13 -6.62
CA ALA B 6 -25.04 -14.29 -5.97
C ALA B 6 -25.11 -13.55 -4.58
N PHE B 7 -25.94 -12.48 -4.49
CA PHE B 7 -26.21 -11.81 -3.17
C PHE B 7 -27.69 -11.82 -2.68
N HIS B 8 -27.92 -12.41 -1.49
CA HIS B 8 -29.26 -12.52 -0.85
C HIS B 8 -29.41 -11.64 0.37
N PRO B 9 -30.03 -10.41 0.24
CA PRO B 9 -30.19 -9.51 1.41
C PRO B 9 -30.73 -10.17 2.70
N GLY B 10 -30.52 -9.53 3.85
CA GLY B 10 -30.93 -10.08 5.16
C GLY B 10 -30.35 -11.42 5.61
N GLU B 11 -29.52 -12.08 4.80
CA GLU B 11 -28.82 -13.32 5.27
C GLU B 11 -27.27 -13.29 5.19
N LEU B 12 -26.66 -14.29 5.84
CA LEU B 12 -25.18 -14.39 5.86
C LEU B 12 -24.76 -14.93 4.52
N ASN B 13 -24.13 -14.10 3.67
CA ASN B 13 -23.57 -14.57 2.39
C ASN B 13 -22.08 -14.71 2.62
N VAL B 14 -21.56 -15.89 2.28
CA VAL B 14 -20.12 -16.15 2.37
C VAL B 14 -19.49 -16.21 0.98
N TYR B 15 -18.27 -15.66 0.87
CA TYR B 15 -17.38 -15.74 -0.32
C TYR B 15 -15.98 -15.86 0.23
N SER B 16 -15.10 -16.47 -0.57
CA SER B 16 -13.69 -16.62 -0.26
C SER B 16 -12.89 -16.21 -1.45
N ALA B 17 -13.59 -15.90 -2.54
CA ALA B 17 -12.92 -15.32 -3.72
C ALA B 17 -12.73 -13.82 -3.43
N PRO B 18 -11.47 -13.39 -3.26
CA PRO B 18 -11.30 -11.94 -3.27
C PRO B 18 -12.23 -11.24 -4.29
N GLY B 19 -12.23 -11.72 -5.52
CA GLY B 19 -12.97 -11.07 -6.60
C GLY B 19 -14.47 -10.97 -6.38
N ASP B 20 -15.06 -12.00 -5.78
CA ASP B 20 -16.49 -12.05 -5.58
C ASP B 20 -16.92 -10.99 -4.60
N VAL B 21 -16.24 -10.93 -3.46
CA VAL B 21 -16.58 -9.94 -2.45
C VAL B 21 -16.30 -8.47 -2.90
N ALA B 22 -15.28 -8.29 -3.75
CA ALA B 22 -15.06 -7.01 -4.39
C ALA B 22 -16.13 -6.61 -5.42
N ASP B 23 -16.69 -7.58 -6.17
CA ASP B 23 -17.78 -7.30 -7.17
C ASP B 23 -19.08 -6.91 -6.51
N VAL B 24 -19.37 -7.58 -5.39
CA VAL B 24 -20.55 -7.42 -4.57
C VAL B 24 -20.48 -6.15 -3.73
N SER B 25 -19.33 -5.93 -3.09
CA SER B 25 -19.12 -4.70 -2.33
C SER B 25 -19.41 -3.47 -3.20
N ARG B 26 -18.68 -3.38 -4.32
CA ARG B 26 -18.85 -2.31 -5.31
C ARG B 26 -20.33 -2.07 -5.61
N ALA B 27 -21.09 -3.13 -5.86
CA ALA B 27 -22.43 -3.04 -6.41
C ALA B 27 -23.43 -2.56 -5.34
N LEU B 28 -23.32 -3.11 -4.14
CA LEU B 28 -24.12 -2.61 -3.05
C LEU B 28 -23.85 -1.12 -2.86
N ARG B 29 -22.58 -0.74 -2.80
CA ARG B 29 -22.25 0.68 -2.71
C ARG B 29 -23.01 1.53 -3.76
N LEU B 30 -22.98 1.13 -5.04
CA LEU B 30 -23.62 1.89 -6.12
C LEU B 30 -25.11 2.07 -5.88
N THR B 31 -25.67 1.22 -5.03
CA THR B 31 -27.09 1.33 -4.69
C THR B 31 -27.36 2.11 -3.39
N GLY B 32 -26.35 2.69 -2.77
CA GLY B 32 -26.62 3.50 -1.57
C GLY B 32 -26.48 2.81 -0.21
N ARG B 33 -26.03 1.55 -0.17
CA ARG B 33 -25.56 0.94 1.08
C ARG B 33 -24.18 1.48 1.36
N ARG B 34 -23.89 1.80 2.62
CA ARG B 34 -22.54 2.18 3.01
C ARG B 34 -21.85 0.91 3.56
N VAL B 35 -20.75 0.49 2.94
CA VAL B 35 -19.98 -0.74 3.37
C VAL B 35 -19.03 -0.56 4.59
N MET B 36 -19.16 -1.44 5.59
CA MET B 36 -18.40 -1.37 6.84
C MET B 36 -17.52 -2.63 6.87
N LEU B 37 -16.21 -2.53 7.11
CA LEU B 37 -15.48 -3.81 7.26
C LEU B 37 -14.99 -4.05 8.66
N VAL B 38 -15.12 -5.31 9.09
CA VAL B 38 -14.60 -5.80 10.35
C VAL B 38 -13.58 -6.95 10.12
N PRO B 39 -12.30 -6.61 10.15
CA PRO B 39 -11.21 -7.60 10.06
C PRO B 39 -11.12 -8.45 11.31
N THR B 40 -11.22 -9.77 11.16
CA THR B 40 -11.02 -10.63 12.31
C THR B 40 -10.18 -11.83 11.93
N MET B 41 -9.71 -12.51 12.93
CA MET B 41 -8.91 -13.70 12.71
C MET B 41 -9.63 -14.98 13.19
N GLY B 42 -10.97 -14.91 13.32
CA GLY B 42 -11.84 -16.05 13.66
C GLY B 42 -11.95 -16.22 15.17
N ALA B 43 -12.72 -17.21 15.66
CA ALA B 43 -12.82 -17.46 17.10
C ALA B 43 -13.31 -16.16 17.76
N LEU B 44 -14.54 -15.82 17.42
CA LEU B 44 -15.08 -14.54 17.83
C LEU B 44 -15.63 -14.63 19.23
N HIS B 45 -15.78 -13.46 19.86
CA HIS B 45 -16.43 -13.35 21.16
C HIS B 45 -17.02 -11.97 21.32
N GLU B 46 -17.45 -11.63 22.52
CA GLU B 46 -18.07 -10.33 22.70
C GLU B 46 -17.27 -9.25 22.00
N GLY B 47 -15.94 -9.31 22.20
CA GLY B 47 -15.05 -8.24 21.72
C GLY B 47 -15.27 -7.95 20.25
N HIS B 48 -15.15 -8.99 19.46
CA HIS B 48 -15.46 -8.91 18.05
C HIS B 48 -16.90 -8.46 17.87
N LEU B 49 -17.82 -8.94 18.70
CA LEU B 49 -19.25 -8.69 18.48
C LEU B 49 -19.56 -7.20 18.70
N ALA B 50 -18.86 -6.51 19.60
CA ALA B 50 -19.16 -5.06 19.71
C ALA B 50 -18.59 -4.32 18.52
N LEU B 51 -17.62 -4.93 17.82
CA LEU B 51 -17.12 -4.34 16.54
C LEU B 51 -18.23 -4.40 15.55
N VAL B 52 -18.76 -5.60 15.41
CA VAL B 52 -19.91 -5.87 14.61
C VAL B 52 -21.13 -4.96 14.92
N ARG B 53 -21.43 -4.64 16.20
CA ARG B 53 -22.65 -3.84 16.48
C ARG B 53 -22.49 -2.38 16.08
N ALA B 54 -21.27 -1.87 16.28
CA ALA B 54 -20.92 -0.48 15.91
C ALA B 54 -20.97 -0.37 14.41
N ALA B 55 -20.49 -1.38 13.70
CA ALA B 55 -20.64 -1.37 12.26
C ALA B 55 -22.15 -1.33 11.82
N LYS B 56 -22.97 -2.23 12.39
CA LYS B 56 -24.42 -2.25 12.16
C LYS B 56 -25.11 -0.91 12.46
N ARG B 57 -24.69 -0.19 13.49
CA ARG B 57 -25.44 1.01 13.82
C ARG B 57 -25.23 2.27 12.93
N VAL B 58 -24.73 2.05 11.72
CA VAL B 58 -24.61 3.10 10.74
C VAL B 58 -25.83 2.99 9.79
N PRO B 59 -26.65 4.06 9.71
CA PRO B 59 -27.68 4.18 8.70
C PRO B 59 -27.31 3.62 7.32
N GLY B 60 -27.91 2.49 6.95
CA GLY B 60 -27.77 1.93 5.60
C GLY B 60 -26.59 0.99 5.43
N SER B 61 -25.94 0.67 6.54
CA SER B 61 -24.76 -0.22 6.53
C SER B 61 -25.01 -1.57 5.87
N VAL B 62 -24.02 -2.08 5.17
CA VAL B 62 -23.93 -3.52 5.01
C VAL B 62 -22.62 -3.90 5.68
N VAL B 63 -22.65 -4.89 6.57
CA VAL B 63 -21.45 -5.24 7.34
C VAL B 63 -20.65 -6.38 6.71
N VAL B 64 -19.32 -6.23 6.63
CA VAL B 64 -18.48 -7.25 6.06
C VAL B 64 -17.52 -7.70 7.12
N VAL B 65 -17.58 -8.98 7.52
CA VAL B 65 -16.60 -9.55 8.43
C VAL B 65 -15.67 -10.47 7.67
N SER B 66 -14.40 -10.14 7.70
CA SER B 66 -13.45 -11.01 7.11
C SER B 66 -12.97 -11.95 8.22
N ILE B 67 -12.56 -13.14 7.82
CA ILE B 67 -12.04 -14.12 8.75
C ILE B 67 -10.89 -14.66 7.97
N PHE B 68 -9.69 -14.50 8.51
CA PHE B 68 -8.51 -15.00 7.82
C PHE B 68 -7.42 -14.89 8.84
N VAL B 69 -6.49 -15.84 8.76
CA VAL B 69 -5.41 -15.95 9.70
C VAL B 69 -4.10 -15.62 9.01
N ASN B 70 -3.42 -14.63 9.59
CA ASN B 70 -2.39 -13.77 8.94
C ASN B 70 -0.91 -14.15 8.73
N PRO B 71 -0.53 -15.43 8.44
CA PRO B 71 0.90 -15.88 8.61
C PRO B 71 2.01 -14.93 9.23
N MET B 72 2.52 -13.91 8.50
CA MET B 72 3.67 -13.01 8.94
C MET B 72 3.42 -11.95 10.08
N GLN B 73 2.38 -12.21 10.90
CA GLN B 73 2.04 -11.47 12.13
C GLN B 73 2.36 -12.32 13.38
N PRO B 87 -15.69 -22.40 13.66
CA PRO B 87 -15.71 -22.15 12.22
C PRO B 87 -17.09 -21.80 11.65
N ASP B 88 -18.10 -22.68 11.77
CA ASP B 88 -19.51 -22.28 11.49
C ASP B 88 -20.16 -21.84 12.79
N ASP B 89 -19.52 -22.29 13.88
CA ASP B 89 -19.50 -21.63 15.14
C ASP B 89 -19.45 -20.08 14.94
N ASP B 90 -18.39 -19.65 14.28
CA ASP B 90 -18.10 -18.26 14.01
C ASP B 90 -19.19 -17.62 13.14
N LEU B 91 -19.47 -18.25 12.01
CA LEU B 91 -20.49 -17.73 11.09
C LEU B 91 -21.86 -17.69 11.71
N ALA B 92 -22.12 -18.60 12.65
CA ALA B 92 -23.41 -18.66 13.28
C ALA B 92 -23.53 -17.48 14.17
N GLN B 93 -22.44 -17.15 14.85
CA GLN B 93 -22.42 -15.85 15.59
C GLN B 93 -22.77 -14.63 14.69
N LEU B 94 -22.20 -14.64 13.48
CA LEU B 94 -22.40 -13.58 12.50
C LEU B 94 -23.84 -13.50 12.02
N ARG B 95 -24.45 -14.67 11.77
CA ARG B 95 -25.85 -14.79 11.38
C ARG B 95 -26.69 -14.21 12.49
N ALA B 96 -26.58 -14.83 13.66
CA ALA B 96 -27.17 -14.28 14.89
C ALA B 96 -27.02 -12.72 15.01
N GLU B 97 -25.86 -12.16 14.62
CA GLU B 97 -25.69 -10.69 14.70
C GLU B 97 -26.29 -9.91 13.51
N GLY B 98 -26.87 -10.63 12.55
CA GLY B 98 -27.45 -9.99 11.34
C GLY B 98 -26.48 -9.38 10.33
N VAL B 99 -25.32 -10.03 10.18
CA VAL B 99 -24.23 -9.56 9.37
C VAL B 99 -24.56 -10.20 8.05
N GLU B 100 -24.43 -9.47 6.93
CA GLU B 100 -24.80 -10.05 5.61
C GLU B 100 -23.64 -10.58 4.76
N ILE B 101 -22.44 -10.07 5.01
CA ILE B 101 -21.25 -10.61 4.33
C ILE B 101 -20.08 -11.01 5.19
N ALA B 102 -19.73 -12.31 5.09
CA ALA B 102 -18.50 -12.88 5.61
C ALA B 102 -17.54 -13.13 4.48
N PHE B 103 -16.26 -12.94 4.76
CA PHE B 103 -15.22 -13.12 3.76
C PHE B 103 -14.09 -14.01 4.26
N THR B 104 -13.92 -15.16 3.62
CA THR B 104 -13.16 -16.24 4.23
C THR B 104 -12.15 -16.90 3.28
N PRO B 105 -11.21 -16.11 2.77
CA PRO B 105 -10.36 -16.58 1.68
C PRO B 105 -9.28 -17.48 2.24
N THR B 106 -8.61 -18.20 1.38
CA THR B 106 -7.60 -19.16 1.81
C THR B 106 -6.29 -18.45 1.78
N THR B 107 -5.30 -19.04 2.41
CA THR B 107 -4.00 -18.40 2.44
C THR B 107 -3.55 -18.12 0.99
N ALA B 108 -3.78 -19.10 0.14
CA ALA B 108 -3.35 -19.04 -1.25
C ALA B 108 -4.06 -17.94 -2.07
N ALA B 109 -5.34 -17.68 -1.75
CA ALA B 109 -6.06 -16.62 -2.41
C ALA B 109 -5.49 -15.24 -1.97
N MET B 110 -5.08 -15.11 -0.71
CA MET B 110 -4.53 -13.84 -0.28
C MET B 110 -3.12 -13.62 -0.75
N TYR B 111 -2.36 -14.70 -0.99
CA TYR B 111 -0.93 -14.63 -1.26
C TYR B 111 -0.45 -15.48 -2.49
N PRO B 112 -1.16 -15.40 -3.64
CA PRO B 112 -0.86 -16.30 -4.77
C PRO B 112 0.58 -16.26 -5.27
N ASP B 113 1.38 -15.27 -4.86
CA ASP B 113 2.78 -15.25 -5.27
C ASP B 113 3.71 -15.20 -4.05
N GLY B 114 3.21 -15.53 -2.87
CA GLY B 114 4.11 -15.54 -1.75
C GLY B 114 4.28 -14.14 -1.25
N LEU B 115 5.10 -13.98 -0.22
CA LEU B 115 5.30 -12.65 0.32
C LEU B 115 6.12 -11.91 -0.72
N ARG B 116 5.63 -10.80 -1.23
CA ARG B 116 6.44 -10.11 -2.24
C ARG B 116 6.51 -8.64 -1.91
N THR B 117 5.59 -7.86 -2.46
CA THR B 117 5.45 -6.49 -2.02
C THR B 117 4.74 -6.43 -0.66
N THR B 118 5.33 -5.66 0.26
CA THR B 118 4.76 -5.50 1.59
C THR B 118 4.86 -4.05 2.05
N VAL B 119 4.11 -3.76 3.10
CA VAL B 119 4.09 -2.44 3.74
C VAL B 119 5.19 -2.42 4.77
N GLN B 120 5.94 -1.34 4.76
CA GLN B 120 6.96 -1.11 5.74
C GLN B 120 6.46 0.02 6.67
N PRO B 121 6.20 -0.29 7.98
CA PRO B 121 5.64 0.67 8.97
C PRO B 121 6.62 1.72 9.38
N GLY B 122 6.14 2.79 10.03
CA GLY B 122 7.02 3.80 10.61
C GLY B 122 7.73 3.22 11.80
N PRO B 123 8.58 3.98 12.47
CA PRO B 123 9.38 3.46 13.63
C PRO B 123 8.52 2.90 14.80
N LEU B 124 7.24 3.24 14.78
CA LEU B 124 6.38 2.90 15.87
C LEU B 124 6.21 1.40 15.94
N ALA B 125 6.43 0.73 14.81
CA ALA B 125 6.30 -0.69 14.71
C ALA B 125 7.42 -1.39 15.45
N ALA B 126 8.53 -0.69 15.73
CA ALA B 126 9.63 -1.28 16.55
C ALA B 126 9.40 -1.31 18.09
N GLU B 127 8.72 -0.31 18.60
CA GLU B 127 8.41 -0.19 20.00
C GLU B 127 7.37 -1.16 20.56
N LEU B 128 7.30 -1.22 21.90
CA LEU B 128 6.15 -1.77 22.61
C LEU B 128 5.94 -3.20 22.14
N GLU B 129 4.81 -3.50 21.48
CA GLU B 129 4.56 -4.86 21.07
C GLU B 129 5.52 -5.30 19.99
N GLY B 130 6.16 -4.33 19.32
CA GLY B 130 7.12 -4.66 18.25
C GLY B 130 8.52 -4.90 18.78
N GLY B 131 8.70 -4.78 20.09
CA GLY B 131 9.92 -5.26 20.78
C GLY B 131 10.13 -6.78 20.66
N PRO B 132 9.28 -7.59 21.33
CA PRO B 132 9.27 -9.04 21.05
C PRO B 132 9.17 -9.44 19.54
N ARG B 133 8.25 -8.83 18.78
CA ARG B 133 7.96 -9.28 17.41
C ARG B 133 8.24 -8.22 16.35
N PRO B 134 9.51 -8.03 15.98
CA PRO B 134 10.03 -6.87 15.25
C PRO B 134 9.42 -6.73 13.83
N THR B 135 8.89 -7.82 13.30
CA THR B 135 8.23 -7.79 12.00
C THR B 135 6.70 -8.04 12.03
N HIS B 136 6.10 -8.07 13.20
CA HIS B 136 4.67 -8.41 13.37
C HIS B 136 3.65 -7.47 12.68
N PHE B 137 3.89 -6.16 12.83
CA PHE B 137 3.04 -5.14 12.30
C PHE B 137 3.22 -5.00 10.82
N ALA B 138 4.43 -5.24 10.29
CA ALA B 138 4.55 -5.25 8.81
C ALA B 138 3.56 -6.24 8.26
N GLY B 139 3.49 -7.41 8.89
CA GLY B 139 2.51 -8.42 8.52
C GLY B 139 1.09 -7.91 8.73
N VAL B 140 0.86 -7.28 9.89
CA VAL B 140 -0.47 -6.81 10.16
C VAL B 140 -0.94 -5.78 9.11
N LEU B 141 -0.13 -4.75 8.80
CA LEU B 141 -0.51 -3.69 7.87
C LEU B 141 -0.60 -4.17 6.43
N THR B 142 0.33 -5.00 6.02
CA THR B 142 0.22 -5.58 4.69
C THR B 142 -1.16 -6.20 4.44
N VAL B 143 -1.73 -6.95 5.40
CA VAL B 143 -3.03 -7.59 5.09
C VAL B 143 -4.21 -6.66 5.26
N VAL B 144 -4.13 -5.74 6.21
CA VAL B 144 -5.12 -4.69 6.30
C VAL B 144 -5.18 -3.94 5.01
N LEU B 145 -4.06 -3.56 4.47
CA LEU B 145 -4.14 -2.87 3.19
C LEU B 145 -4.97 -3.69 2.18
N LYS B 146 -4.60 -4.98 2.07
CA LYS B 146 -5.22 -5.88 1.10
C LYS B 146 -6.73 -5.90 1.28
N LEU B 147 -7.20 -6.14 2.50
CA LEU B 147 -8.62 -6.20 2.71
C LEU B 147 -9.26 -4.90 2.32
N LEU B 148 -8.66 -3.78 2.73
CA LEU B 148 -9.15 -2.46 2.30
C LEU B 148 -9.36 -2.38 0.78
N GLN B 149 -8.36 -2.82 0.06
CA GLN B 149 -8.40 -2.77 -1.36
C GLN B 149 -9.42 -3.75 -1.92
N ILE B 150 -9.58 -4.92 -1.30
CA ILE B 150 -10.58 -5.87 -1.80
C ILE B 150 -12.00 -5.40 -1.56
N VAL B 151 -12.29 -4.96 -0.35
CA VAL B 151 -13.66 -4.62 0.03
C VAL B 151 -14.03 -3.14 -0.20
N ARG B 152 -13.03 -2.24 -0.16
CA ARG B 152 -13.22 -0.82 -0.31
C ARG B 152 -14.40 -0.40 0.52
N PRO B 153 -14.31 -0.51 1.86
CA PRO B 153 -15.43 -0.10 2.74
C PRO B 153 -15.42 1.43 2.97
N ASP B 154 -16.48 1.99 3.52
CA ASP B 154 -16.48 3.40 3.86
C ASP B 154 -15.75 3.59 5.17
N ARG B 155 -16.05 2.67 6.10
CA ARG B 155 -15.44 2.65 7.39
C ARG B 155 -14.87 1.28 7.65
N VAL B 156 -13.77 1.26 8.40
CA VAL B 156 -13.20 0.03 8.86
C VAL B 156 -12.99 0.10 10.40
N PHE B 157 -13.22 -1.04 11.10
CA PHE B 157 -13.37 -1.16 12.61
C PHE B 157 -12.30 -2.05 13.35
N PHE B 158 -11.69 -1.46 14.39
CA PHE B 158 -10.76 -2.15 15.26
C PHE B 158 -10.99 -1.85 16.77
N GLY B 159 -10.64 -2.81 17.62
CA GLY B 159 -10.77 -2.64 19.04
C GLY B 159 -9.55 -1.90 19.55
N GLU B 160 -9.79 -1.08 20.59
CA GLU B 160 -8.75 -0.29 21.25
C GLU B 160 -7.92 -1.19 22.09
N LYS B 161 -8.47 -2.37 22.32
CA LYS B 161 -7.81 -3.41 23.04
C LYS B 161 -6.35 -3.50 22.57
N ASP B 162 -6.19 -3.55 21.24
CA ASP B 162 -4.90 -3.55 20.53
C ASP B 162 -4.71 -2.13 19.99
N TYR B 163 -4.46 -1.24 20.91
CA TYR B 163 -4.28 0.16 20.64
C TYR B 163 -3.10 0.54 19.71
N GLN B 164 -1.94 -0.07 19.87
CA GLN B 164 -0.76 0.26 18.98
C GLN B 164 -1.05 -0.14 17.48
N GLN B 165 -1.68 -1.29 17.34
CA GLN B 165 -2.19 -1.73 16.08
C GLN B 165 -3.02 -0.62 15.46
N LEU B 166 -4.02 -0.16 16.21
CA LEU B 166 -4.97 0.80 15.72
C LEU B 166 -4.31 2.12 15.36
N VAL B 167 -3.26 2.52 16.06
CA VAL B 167 -2.55 3.78 15.72
C VAL B 167 -1.77 3.62 14.42
N LEU B 168 -1.21 2.42 14.22
CA LEU B 168 -0.46 2.15 13.01
C LEU B 168 -1.37 2.06 11.75
N ILE B 169 -2.52 1.36 11.87
CA ILE B 169 -3.59 1.40 10.84
C ILE B 169 -4.01 2.84 10.49
N ARG B 170 -4.24 3.69 11.47
CA ARG B 170 -4.35 5.10 11.14
C ARG B 170 -3.18 5.73 10.35
N GLN B 171 -1.97 5.26 10.59
CA GLN B 171 -0.80 5.86 9.93
C GLN B 171 -0.77 5.32 8.50
N LEU B 172 -0.96 4.01 8.32
CA LEU B 172 -1.28 3.44 6.98
C LEU B 172 -2.28 4.28 6.18
N VAL B 173 -3.35 4.71 6.84
CA VAL B 173 -4.45 5.35 6.15
C VAL B 173 -4.08 6.76 5.78
N ALA B 174 -3.34 7.41 6.64
CA ALA B 174 -2.95 8.75 6.31
C ALA B 174 -1.82 8.72 5.27
N ASP B 175 -0.83 7.85 5.48
CA ASP B 175 0.35 7.93 4.65
C ASP B 175 0.09 7.48 3.22
N PHE B 176 -0.89 6.59 3.06
CA PHE B 176 -1.18 6.04 1.75
C PHE B 176 -2.40 6.70 1.14
N ASN B 177 -3.00 7.63 1.87
CA ASN B 177 -4.07 8.43 1.35
C ASN B 177 -5.29 7.56 1.09
N LEU B 178 -5.45 6.56 1.93
CA LEU B 178 -6.59 5.70 1.83
C LEU B 178 -7.94 6.40 2.15
N ASP B 179 -8.95 5.89 1.46
CA ASP B 179 -10.30 6.46 1.41
C ASP B 179 -11.26 6.17 2.59
N VAL B 180 -10.76 5.76 3.75
CA VAL B 180 -11.60 5.05 4.67
C VAL B 180 -11.48 5.72 6.02
N ALA B 181 -12.58 5.74 6.73
CA ALA B 181 -12.56 6.21 8.06
C ALA B 181 -12.27 4.96 8.95
N VAL B 182 -11.25 5.09 9.80
CA VAL B 182 -10.86 4.08 10.76
C VAL B 182 -11.65 4.35 12.05
N VAL B 183 -12.39 3.36 12.53
CA VAL B 183 -13.17 3.60 13.74
C VAL B 183 -12.62 2.66 14.82
N GLY B 184 -12.27 3.27 15.95
CA GLY B 184 -11.65 2.53 17.06
C GLY B 184 -12.72 2.23 18.09
N VAL B 185 -12.85 0.96 18.45
CA VAL B 185 -13.97 0.52 19.22
C VAL B 185 -13.65 0.16 20.71
N PRO B 186 -14.33 0.84 21.63
CA PRO B 186 -14.06 0.59 23.06
C PRO B 186 -13.99 -0.90 23.51
N THR B 187 -12.85 -1.27 24.12
CA THR B 187 -12.65 -2.54 24.81
C THR B 187 -13.78 -3.10 25.71
N VAL B 188 -14.17 -4.31 25.38
CA VAL B 188 -15.18 -5.03 26.06
C VAL B 188 -14.44 -5.81 27.11
N ARG B 189 -15.00 -5.79 28.33
CA ARG B 189 -14.31 -6.32 29.52
C ARG B 189 -15.15 -7.35 30.24
N GLU B 190 -14.52 -8.31 30.95
CA GLU B 190 -15.30 -9.13 31.88
C GLU B 190 -15.93 -8.25 33.00
N ALA B 191 -16.68 -8.86 33.89
CA ALA B 191 -17.25 -8.10 35.01
C ALA B 191 -16.16 -7.58 35.97
N ASP B 192 -15.00 -8.25 36.07
CA ASP B 192 -14.00 -7.72 36.97
C ASP B 192 -13.14 -6.64 36.32
N GLY B 193 -13.38 -6.41 35.02
CA GLY B 193 -12.69 -5.38 34.24
C GLY B 193 -11.57 -5.95 33.32
N LEU B 194 -11.31 -7.27 33.41
CA LEU B 194 -10.34 -7.97 32.53
C LEU B 194 -10.71 -7.83 31.06
N ALA B 195 -9.75 -7.44 30.24
CA ALA B 195 -10.09 -7.29 28.83
C ALA B 195 -10.27 -8.68 28.20
N MET B 196 -11.42 -8.85 27.53
CA MET B 196 -11.73 -10.12 26.88
C MET B 196 -10.74 -10.36 25.76
N SER B 197 -10.38 -11.62 25.63
CA SER B 197 -9.34 -12.09 24.75
C SER B 197 -9.46 -13.58 24.80
N SER B 198 -9.22 -14.19 23.65
CA SER B 198 -9.26 -15.64 23.54
C SER B 198 -8.26 -16.28 24.51
N ARG B 199 -7.19 -15.56 24.79
CA ARG B 199 -6.16 -16.10 25.66
C ARG B 199 -6.56 -16.31 27.15
N ASN B 200 -7.58 -15.60 27.58
CA ASN B 200 -8.07 -15.76 28.92
C ASN B 200 -8.55 -17.15 29.28
N ARG B 201 -8.83 -18.00 28.27
CA ARG B 201 -9.39 -19.35 28.54
C ARG B 201 -8.29 -20.16 29.23
N TYR B 202 -7.04 -19.79 28.93
CA TYR B 202 -5.86 -20.53 29.38
C TYR B 202 -5.35 -20.33 30.82
N LEU B 203 -5.66 -19.19 31.46
CA LEU B 203 -5.19 -18.89 32.83
C LEU B 203 -5.81 -19.81 33.89
N ASP B 204 -4.98 -20.45 34.74
CA ASP B 204 -5.56 -21.21 35.88
C ASP B 204 -6.37 -20.23 36.74
N PRO B 205 -7.10 -20.72 37.76
CA PRO B 205 -7.83 -19.80 38.67
C PRO B 205 -6.99 -18.75 39.47
N ALA B 206 -5.76 -19.11 39.86
CA ALA B 206 -4.84 -18.20 40.54
C ALA B 206 -4.43 -17.04 39.61
N GLN B 207 -4.08 -17.42 38.40
CA GLN B 207 -3.75 -16.50 37.37
C GLN B 207 -4.97 -15.68 36.96
N ARG B 208 -6.13 -16.31 36.80
CA ARG B 208 -7.31 -15.57 36.34
C ARG B 208 -7.50 -14.46 37.31
N ALA B 209 -7.39 -14.80 38.59
CA ALA B 209 -7.46 -13.87 39.73
C ALA B 209 -6.46 -12.70 39.76
N ALA B 210 -5.16 -12.97 39.63
CA ALA B 210 -4.07 -12.00 39.56
C ALA B 210 -4.15 -11.14 38.27
N ALA B 211 -4.63 -11.77 37.20
CA ALA B 211 -4.98 -11.16 35.92
C ALA B 211 -5.83 -9.86 36.05
N VAL B 212 -6.61 -9.71 37.12
CA VAL B 212 -7.44 -8.48 37.27
C VAL B 212 -6.56 -7.24 37.47
N ALA B 213 -5.32 -7.47 37.92
CA ALA B 213 -4.44 -6.40 38.31
C ALA B 213 -4.15 -5.46 37.20
N LEU B 214 -4.19 -5.96 35.97
CA LEU B 214 -3.88 -5.09 34.82
C LEU B 214 -4.86 -3.94 34.63
N SER B 215 -6.14 -4.27 34.52
CA SER B 215 -7.17 -3.25 34.44
C SER B 215 -7.27 -2.44 35.74
N ALA B 216 -7.18 -3.14 36.88
CA ALA B 216 -7.19 -2.42 38.13
C ALA B 216 -6.13 -1.30 38.11
N ALA B 217 -4.91 -1.60 37.65
CA ALA B 217 -3.86 -0.56 37.63
C ALA B 217 -4.12 0.57 36.63
N LEU B 218 -4.80 0.28 35.53
CA LEU B 218 -4.98 1.25 34.48
C LEU B 218 -6.08 2.21 34.96
N THR B 219 -7.13 1.69 35.56
CA THR B 219 -8.23 2.58 36.00
C THR B 219 -7.80 3.40 37.22
N ALA B 220 -7.06 2.77 38.15
CA ALA B 220 -6.44 3.50 39.26
C ALA B 220 -5.62 4.64 38.70
N ALA B 221 -4.86 4.35 37.66
CA ALA B 221 -3.94 5.30 37.05
C ALA B 221 -4.74 6.46 36.50
N ALA B 222 -5.90 6.13 35.89
CA ALA B 222 -6.67 7.10 35.17
C ALA B 222 -7.28 8.06 36.15
N HIS B 223 -7.63 7.55 37.34
CA HIS B 223 -8.20 8.44 38.40
C HIS B 223 -7.09 9.10 39.26
N ALA B 224 -5.93 8.45 39.45
CA ALA B 224 -4.82 9.10 40.13
C ALA B 224 -4.38 10.30 39.30
N ALA B 225 -4.72 10.29 38.01
CA ALA B 225 -4.04 11.18 37.03
C ALA B 225 -4.30 12.70 37.20
N THR B 226 -5.38 13.09 37.86
CA THR B 226 -5.62 14.49 38.14
C THR B 226 -4.52 15.09 38.94
N ALA B 227 -3.70 14.24 39.57
CA ALA B 227 -2.45 14.72 40.21
C ALA B 227 -1.24 14.68 39.31
N GLY B 228 -1.44 14.43 38.02
CA GLY B 228 -0.29 14.35 37.13
C GLY B 228 0.30 13.00 36.77
N ALA B 229 1.32 13.02 35.94
CA ALA B 229 1.83 11.87 35.26
C ALA B 229 2.54 10.87 36.17
N GLN B 230 3.47 11.34 36.99
CA GLN B 230 4.18 10.43 37.87
C GLN B 230 3.19 9.77 38.86
N ALA B 231 2.08 10.47 39.18
CA ALA B 231 1.15 9.94 40.16
C ALA B 231 0.46 8.72 39.52
N ALA B 232 0.01 8.89 38.29
CA ALA B 232 -0.76 7.92 37.57
C ALA B 232 0.07 6.67 37.35
N LEU B 233 1.36 6.85 37.10
CA LEU B 233 2.24 5.73 36.85
C LEU B 233 2.58 4.97 38.13
N ASP B 234 2.84 5.70 39.20
CA ASP B 234 3.10 5.10 40.47
C ASP B 234 1.85 4.34 40.94
N ALA B 235 0.66 4.89 40.68
CA ALA B 235 -0.55 4.20 41.14
C ALA B 235 -0.66 2.83 40.44
N ALA B 236 -0.38 2.83 39.15
CA ALA B 236 -0.53 1.67 38.35
C ALA B 236 0.52 0.65 38.76
N ARG B 237 1.74 1.11 38.98
CA ARG B 237 2.82 0.26 39.42
C ARG B 237 2.54 -0.38 40.76
N ALA B 238 1.95 0.37 41.68
CA ALA B 238 1.61 -0.21 42.97
C ALA B 238 0.62 -1.35 42.80
N VAL B 239 -0.46 -1.15 42.01
CA VAL B 239 -1.44 -2.20 41.82
C VAL B 239 -0.78 -3.48 41.27
N LEU B 240 0.14 -3.29 40.33
CA LEU B 240 0.84 -4.39 39.74
C LEU B 240 1.84 -5.12 40.67
N ASP B 241 2.46 -4.38 41.58
CA ASP B 241 3.37 -4.93 42.61
C ASP B 241 2.61 -5.70 43.64
N ALA B 242 1.27 -5.56 43.62
CA ALA B 242 0.51 -6.23 44.65
C ALA B 242 -0.03 -7.52 44.08
N ALA B 243 0.44 -7.87 42.90
CA ALA B 243 0.01 -9.12 42.22
C ALA B 243 1.12 -10.13 42.14
N PRO B 244 0.83 -11.38 42.52
CA PRO B 244 1.82 -12.48 42.39
C PRO B 244 1.74 -13.12 40.97
N GLY B 245 2.89 -13.52 40.44
CA GLY B 245 2.92 -14.19 39.16
C GLY B 245 2.57 -13.34 37.96
N VAL B 246 2.77 -12.03 38.05
CA VAL B 246 2.53 -11.10 36.96
C VAL B 246 3.83 -10.36 36.61
N ALA B 247 4.51 -10.88 35.58
CA ALA B 247 5.73 -10.29 35.09
C ALA B 247 5.43 -9.23 34.03
N VAL B 248 5.72 -7.96 34.37
CA VAL B 248 5.40 -6.83 33.47
C VAL B 248 6.41 -6.67 32.31
N ASP B 249 5.96 -6.74 31.06
CA ASP B 249 6.87 -6.49 29.93
C ASP B 249 7.15 -4.95 29.81
N TYR B 250 6.14 -4.10 29.94
CA TYR B 250 6.34 -2.66 30.03
C TYR B 250 5.09 -2.06 30.62
N LEU B 251 5.25 -0.87 31.13
CA LEU B 251 4.12 -0.09 31.55
C LEU B 251 4.46 1.31 31.09
N GLU B 252 3.73 1.83 30.11
CA GLU B 252 4.16 3.08 29.51
C GLU B 252 3.05 4.04 29.24
N LEU B 253 3.27 5.32 29.54
CA LEU B 253 2.32 6.37 29.15
C LEU B 253 2.88 7.21 28.03
N ARG B 254 2.01 7.53 27.07
CA ARG B 254 2.36 8.14 25.79
C ARG B 254 1.30 9.17 25.38
N ASP B 255 1.60 10.10 24.46
CA ASP B 255 0.47 10.90 23.89
C ASP B 255 -0.47 9.94 23.16
N ILE B 256 -1.57 10.44 22.59
CA ILE B 256 -2.58 9.49 22.11
C ILE B 256 -2.27 8.90 20.75
N GLY B 257 -1.32 9.49 20.03
CA GLY B 257 -0.81 8.89 18.82
C GLY B 257 0.46 8.07 19.14
N LEU B 258 0.79 7.94 20.42
CA LEU B 258 1.87 7.07 20.90
C LEU B 258 3.27 7.65 20.89
N GLY B 259 3.34 8.97 20.74
CA GLY B 259 4.59 9.68 20.94
C GLY B 259 4.91 9.84 22.42
N PRO B 260 6.07 10.48 22.72
CA PRO B 260 6.53 10.88 24.04
C PRO B 260 5.43 11.18 25.04
N MET B 261 5.68 10.68 26.25
CA MET B 261 4.88 10.93 27.45
C MET B 261 4.48 12.42 27.50
N PRO B 262 3.16 12.71 27.54
CA PRO B 262 2.82 14.12 27.40
C PRO B 262 2.92 14.84 28.76
N LEU B 263 2.85 16.18 28.73
CA LEU B 263 2.93 16.97 29.97
C LEU B 263 1.57 17.24 30.63
N ASN B 264 0.52 17.39 29.82
CA ASN B 264 -0.80 17.61 30.36
C ASN B 264 -1.80 17.15 29.33
N GLY B 265 -3.10 17.18 29.64
CA GLY B 265 -4.15 16.85 28.64
C GLY B 265 -4.04 15.41 28.14
N SER B 266 -4.73 15.09 27.05
CA SER B 266 -4.92 13.70 26.68
C SER B 266 -3.64 12.90 26.52
N GLY B 267 -3.77 11.59 26.71
CA GLY B 267 -2.67 10.64 26.71
C GLY B 267 -3.19 9.23 26.79
N ARG B 268 -2.29 8.23 26.80
CA ARG B 268 -2.66 6.82 26.80
C ARG B 268 -1.67 5.98 27.60
N LEU B 269 -2.20 5.04 28.37
CA LEU B 269 -1.36 4.22 29.21
C LEU B 269 -1.49 2.76 28.80
N LEU B 270 -0.34 2.10 28.57
CA LEU B 270 -0.38 0.76 27.99
C LEU B 270 0.37 -0.11 28.90
N VAL B 271 -0.08 -1.38 29.06
CA VAL B 271 0.66 -2.34 29.86
C VAL B 271 0.72 -3.72 29.19
N ALA B 272 1.77 -4.51 29.49
CA ALA B 272 1.82 -5.91 29.06
C ALA B 272 2.55 -6.79 30.04
N ALA B 273 2.04 -8.03 30.16
CA ALA B 273 2.48 -8.84 31.29
C ALA B 273 2.27 -10.32 31.01
N ARG B 274 3.24 -11.12 31.48
CA ARG B 274 3.13 -12.60 31.36
C ARG B 274 2.64 -13.26 32.62
N LEU B 275 1.52 -13.97 32.50
CA LEU B 275 1.09 -14.89 33.55
C LEU B 275 1.27 -16.32 33.09
N GLY B 276 2.26 -16.99 33.68
CA GLY B 276 2.65 -18.33 33.26
C GLY B 276 3.15 -18.16 31.84
N THR B 277 2.47 -18.82 30.90
CA THR B 277 2.86 -18.63 29.51
C THR B 277 1.91 -17.73 28.74
N THR B 278 0.98 -17.09 29.44
CA THR B 278 0.08 -16.26 28.77
C THR B 278 0.53 -14.78 28.85
N ARG B 279 0.50 -14.13 27.69
CA ARG B 279 0.80 -12.74 27.60
C ARG B 279 -0.49 -11.96 27.39
N LEU B 280 -0.76 -11.06 28.34
CA LEU B 280 -1.95 -10.19 28.37
C LEU B 280 -1.59 -8.72 28.11
N LEU B 281 -2.54 -7.96 27.55
CA LEU B 281 -2.29 -6.56 27.18
C LEU B 281 -3.50 -5.82 27.60
N ASP B 282 -3.35 -4.50 27.76
CA ASP B 282 -4.48 -3.68 28.08
C ASP B 282 -3.91 -2.26 28.04
N ASN B 283 -4.80 -1.27 27.85
CA ASN B 283 -4.46 0.15 27.78
C ASN B 283 -5.71 1.00 28.12
N ILE B 284 -5.52 2.27 28.48
CA ILE B 284 -6.68 3.08 28.81
C ILE B 284 -6.33 4.51 28.49
N ALA B 285 -7.34 5.32 28.14
CA ALA B 285 -7.21 6.81 28.02
C ALA B 285 -6.78 7.44 29.33
N ILE B 286 -5.97 8.46 29.25
CA ILE B 286 -5.58 9.21 30.41
C ILE B 286 -5.75 10.76 30.10
N GLU B 287 -6.33 11.49 31.06
CA GLU B 287 -6.29 12.99 31.11
C GLU B 287 -5.35 13.45 32.23
N ILE B 288 -4.20 14.03 31.84
CA ILE B 288 -3.12 14.39 32.79
C ILE B 288 -3.37 15.80 33.43
N GLY B 289 -3.82 15.78 34.69
CA GLY B 289 -3.98 16.94 35.54
C GLY B 289 -5.26 17.66 35.23
#